data_7XBA
#
_entry.id   7XBA
#
_cell.length_a   54.537
_cell.length_b   86.336
_cell.length_c   124.984
_cell.angle_alpha   90.00
_cell.angle_beta   90.00
_cell.angle_gamma   90.00
#
_symmetry.space_group_name_H-M   'P 21 2 21'
#
loop_
_entity.id
_entity.type
_entity.pdbx_description
1 polymer 'Glutathione S-transferase P'
2 non-polymer GLUTATHIONE
3 non-polymer '3-[3-[[2-[5-[(3,5-dimethyl-4-nitro-pyrazol-1-yl)methyl]furan-2-yl]-5-(methylcarbamoyl)benzimidazol-1-yl]methyl]azetidin-1-yl]sulfonylbenzenesulfonic acid'
#
_entity_poly.entity_id   1
_entity_poly.type   'polypeptide(L)'
_entity_poly.pdbx_seq_one_letter_code
;MGSSHHHHHHSSGLVPRGSHMASMTGGQQMGRGSPPYTVVYFPVRGRCAALRMLLADQGQSWKEEVVTVETWQEGSLKAS
CLYGQLPKFQDGDLTLYQSNTILRHLGRTLGLYGKDQQEAALVDMVNDGVEDLRCKYISLIYTNYEAGKDDYVKALPGQL
KPFETLLSQNQGGKTFIVGDQISFADYNLLDLLLIHEVLAPGCLDAFPLLSAYVGRLSARPKLKAFLASPEYVNLPINGN
GKQ
;
_entity_poly.pdbx_strand_id   A,B
#
# COMPACT_ATOMS: atom_id res chain seq x y z
N PRO A 35 11.00 -16.22 -22.08
CA PRO A 35 11.01 -15.08 -21.14
C PRO A 35 10.19 -15.37 -19.89
N PRO A 36 10.77 -15.12 -18.73
CA PRO A 36 10.17 -15.58 -17.46
C PRO A 36 8.97 -14.77 -16.99
N TYR A 37 8.94 -13.48 -17.36
CA TYR A 37 7.97 -12.52 -16.86
C TYR A 37 7.06 -12.00 -17.97
N THR A 38 5.77 -11.85 -17.68
CA THR A 38 4.79 -11.19 -18.54
C THR A 38 4.16 -10.03 -17.79
N VAL A 39 4.10 -8.86 -18.45
CA VAL A 39 3.38 -7.68 -17.94
C VAL A 39 2.13 -7.49 -18.79
N VAL A 40 0.96 -7.47 -18.16
CA VAL A 40 -0.31 -7.28 -18.86
C VAL A 40 -0.91 -5.97 -18.37
N TYR A 41 -0.89 -4.96 -19.23
CA TYR A 41 -1.29 -3.61 -18.84
C TYR A 41 -1.88 -2.93 -20.05
N PHE A 42 -2.35 -1.71 -19.83
CA PHE A 42 -2.77 -0.81 -20.87
C PHE A 42 -1.54 -0.15 -21.49
N PRO A 43 -1.67 0.45 -22.69
CA PRO A 43 -0.50 1.13 -23.27
C PRO A 43 -0.24 2.48 -22.61
N VAL A 44 0.09 2.44 -21.32
N VAL A 44 0.17 2.41 -21.34
CA VAL A 44 0.44 3.63 -20.56
CA VAL A 44 0.35 3.55 -20.44
C VAL A 44 1.65 3.30 -19.71
C VAL A 44 1.59 3.28 -19.60
N ARG A 45 2.25 4.34 -19.14
CA ARG A 45 3.37 4.16 -18.22
C ARG A 45 2.87 3.77 -16.84
N GLY A 46 2.14 4.69 -16.21
CA GLY A 46 1.23 4.45 -15.09
C GLY A 46 1.86 3.74 -13.91
N ARG A 47 1.10 2.80 -13.35
CA ARG A 47 1.55 2.00 -12.23
C ARG A 47 2.46 0.87 -12.64
N CYS A 48 2.85 0.82 -13.92
CA CYS A 48 3.78 -0.18 -14.41
C CYS A 48 5.15 0.37 -14.74
N ALA A 49 5.27 1.69 -14.84
CA ALA A 49 6.55 2.31 -15.13
C ALA A 49 7.65 1.86 -14.17
N ALA A 50 7.35 1.81 -12.86
CA ALA A 50 8.39 1.54 -11.87
C ALA A 50 8.86 0.10 -11.92
N LEU A 51 7.93 -0.86 -12.01
CA LEU A 51 8.32 -2.24 -12.14
C LEU A 51 9.04 -2.50 -13.45
N ARG A 52 8.68 -1.79 -14.52
CA ARG A 52 9.40 -1.94 -15.77
C ARG A 52 10.84 -1.47 -15.62
N MET A 53 11.03 -0.30 -15.01
CA MET A 53 12.37 0.18 -14.71
C MET A 53 13.16 -0.86 -13.91
N LEU A 54 12.56 -1.40 -12.84
CA LEU A 54 13.24 -2.41 -12.04
C LEU A 54 13.66 -3.59 -12.91
N LEU A 55 12.74 -4.10 -13.73
CA LEU A 55 13.03 -5.25 -14.57
C LEU A 55 14.18 -4.96 -15.54
N ALA A 56 14.17 -3.77 -16.15
CA ALA A 56 15.20 -3.42 -17.12
C ALA A 56 16.56 -3.22 -16.47
N ASP A 57 16.59 -2.57 -15.32
CA ASP A 57 17.86 -2.25 -14.67
C ASP A 57 18.51 -3.48 -14.08
N GLN A 58 17.76 -4.57 -13.90
CA GLN A 58 18.31 -5.79 -13.34
C GLN A 58 18.61 -6.81 -14.41
N GLY A 59 18.64 -6.37 -15.67
CA GLY A 59 18.97 -7.23 -16.79
C GLY A 59 17.96 -8.32 -17.04
N GLN A 60 16.69 -8.06 -16.74
CA GLN A 60 15.67 -9.06 -16.95
C GLN A 60 14.98 -8.85 -18.29
N SER A 61 14.33 -9.89 -18.77
CA SER A 61 13.50 -9.82 -19.95
CA SER A 61 13.50 -9.82 -19.95
C SER A 61 12.05 -10.00 -19.55
N TRP A 62 11.15 -9.52 -20.40
CA TRP A 62 9.74 -9.71 -20.10
C TRP A 62 8.91 -9.43 -21.34
N LYS A 63 7.80 -10.16 -21.46
CA LYS A 63 6.83 -9.96 -22.53
C LYS A 63 5.80 -8.94 -22.08
N GLU A 64 5.48 -7.97 -22.95
CA GLU A 64 4.40 -7.03 -22.71
C GLU A 64 3.15 -7.54 -23.42
N GLU A 65 2.06 -7.73 -22.68
CA GLU A 65 0.75 -7.94 -23.27
C GLU A 65 0.02 -6.60 -23.19
N VAL A 66 -0.17 -5.95 -24.34
CA VAL A 66 -0.81 -4.65 -24.40
C VAL A 66 -2.33 -4.86 -24.54
N VAL A 67 -3.10 -4.11 -23.74
CA VAL A 67 -4.55 -4.21 -23.71
C VAL A 67 -5.15 -2.89 -24.21
N THR A 68 -5.87 -2.94 -25.33
CA THR A 68 -6.52 -1.77 -25.90
C THR A 68 -7.92 -1.60 -25.32
N VAL A 69 -8.51 -0.42 -25.53
CA VAL A 69 -9.88 -0.17 -25.09
C VAL A 69 -10.81 -1.29 -25.56
N GLU A 70 -10.68 -1.69 -26.83
CA GLU A 70 -11.57 -2.70 -27.39
C GLU A 70 -11.46 -4.01 -26.61
N THR A 71 -10.23 -4.45 -26.33
CA THR A 71 -10.03 -5.69 -25.61
C THR A 71 -10.65 -5.62 -24.22
N TRP A 72 -10.36 -4.53 -23.49
CA TRP A 72 -10.84 -4.41 -22.12
C TRP A 72 -12.37 -4.44 -22.07
N GLN A 73 -13.03 -3.69 -22.98
CA GLN A 73 -14.50 -3.67 -23.02
C GLN A 73 -15.06 -5.04 -23.37
N GLU A 74 -14.32 -5.84 -24.13
CA GLU A 74 -14.76 -7.20 -24.42
C GLU A 74 -15.22 -7.93 -23.16
N GLY A 75 -14.46 -7.82 -22.06
CA GLY A 75 -14.95 -8.11 -20.73
C GLY A 75 -14.39 -9.36 -20.07
N SER A 76 -13.80 -10.28 -20.82
CA SER A 76 -13.41 -11.54 -20.22
C SER A 76 -12.09 -11.42 -19.48
N LEU A 77 -11.14 -10.68 -20.04
CA LEU A 77 -9.90 -10.41 -19.33
C LEU A 77 -10.17 -9.76 -17.98
N LYS A 78 -10.95 -8.66 -17.99
CA LYS A 78 -11.31 -7.98 -16.74
C LYS A 78 -11.95 -8.92 -15.75
N ALA A 79 -12.90 -9.73 -16.22
CA ALA A 79 -13.65 -10.60 -15.31
C ALA A 79 -12.76 -11.64 -14.69
N SER A 80 -11.68 -12.03 -15.39
CA SER A 80 -10.70 -12.96 -14.84
C SER A 80 -9.71 -12.30 -13.88
N CYS A 81 -9.65 -10.97 -13.84
CA CYS A 81 -8.71 -10.28 -12.95
C CYS A 81 -9.27 -10.25 -11.54
N LEU A 82 -8.41 -10.60 -10.57
CA LEU A 82 -8.84 -10.75 -9.18
C LEU A 82 -9.74 -9.59 -8.74
N TYR A 83 -9.25 -8.35 -8.84
CA TYR A 83 -10.02 -7.16 -8.53
C TYR A 83 -10.51 -6.45 -9.78
N GLY A 84 -10.62 -7.16 -10.89
CA GLY A 84 -11.10 -6.53 -12.10
C GLY A 84 -10.27 -5.38 -12.58
N GLN A 85 -8.95 -5.39 -12.29
CA GLN A 85 -8.08 -4.29 -12.69
C GLN A 85 -6.75 -4.83 -13.18
N LEU A 86 -5.99 -3.97 -13.84
CA LEU A 86 -4.62 -4.23 -14.26
C LEU A 86 -3.68 -3.29 -13.52
N PRO A 87 -2.39 -3.61 -13.43
CA PRO A 87 -1.64 -4.70 -14.08
C PRO A 87 -1.96 -6.10 -13.59
N LYS A 88 -1.84 -7.05 -14.52
CA LYS A 88 -1.71 -8.48 -14.24
C LYS A 88 -0.29 -8.88 -14.60
N PHE A 89 0.32 -9.77 -13.80
CA PHE A 89 1.74 -10.06 -13.88
C PHE A 89 1.96 -11.55 -13.78
N GLN A 90 2.78 -12.12 -14.66
CA GLN A 90 3.06 -13.55 -14.61
C GLN A 90 4.55 -13.77 -14.43
N ASP A 91 4.89 -14.57 -13.42
CA ASP A 91 6.26 -15.04 -13.18
C ASP A 91 6.20 -16.56 -13.13
N GLY A 92 6.64 -17.20 -14.21
CA GLY A 92 6.30 -18.60 -14.33
C GLY A 92 4.82 -18.79 -14.18
N ASP A 93 4.42 -19.82 -13.45
CA ASP A 93 3.00 -20.03 -13.22
C ASP A 93 2.53 -19.41 -11.91
N LEU A 94 3.22 -18.37 -11.44
CA LEU A 94 2.66 -17.47 -10.46
C LEU A 94 1.99 -16.30 -11.17
N THR A 95 0.80 -15.94 -10.73
CA THR A 95 0.07 -14.83 -11.34
C THR A 95 -0.31 -13.83 -10.26
N LEU A 96 0.02 -12.59 -10.50
CA LEU A 96 -0.06 -11.58 -9.48
C LEU A 96 -0.86 -10.41 -10.01
N TYR A 97 -1.56 -9.73 -9.11
CA TYR A 97 -2.18 -8.46 -9.41
C TYR A 97 -1.74 -7.49 -8.32
N GLN A 98 -2.09 -6.22 -8.50
CA GLN A 98 -1.63 -5.12 -7.64
C GLN A 98 -0.18 -4.77 -7.94
N SER A 99 0.04 -3.50 -8.34
CA SER A 99 1.38 -3.07 -8.69
C SER A 99 2.33 -3.17 -7.50
N ASN A 100 1.91 -2.74 -6.31
CA ASN A 100 2.81 -2.77 -5.16
C ASN A 100 3.15 -4.21 -4.77
N THR A 101 2.16 -5.11 -4.86
CA THR A 101 2.43 -6.52 -4.66
C THR A 101 3.48 -7.03 -5.63
N ILE A 102 3.34 -6.68 -6.91
CA ILE A 102 4.33 -7.07 -7.93
C ILE A 102 5.72 -6.55 -7.57
N LEU A 103 5.82 -5.29 -7.19
CA LEU A 103 7.13 -4.73 -6.84
C LEU A 103 7.73 -5.47 -5.65
N ARG A 104 6.96 -5.64 -4.58
CA ARG A 104 7.48 -6.38 -3.44
C ARG A 104 7.90 -7.77 -3.85
N HIS A 105 7.17 -8.37 -4.80
CA HIS A 105 7.53 -9.73 -5.22
C HIS A 105 8.90 -9.74 -5.89
N LEU A 106 9.05 -8.88 -6.91
CA LEU A 106 10.33 -8.78 -7.59
C LEU A 106 11.45 -8.47 -6.60
N GLY A 107 11.16 -7.61 -5.62
CA GLY A 107 12.19 -7.25 -4.66
C GLY A 107 12.59 -8.42 -3.80
N ARG A 108 11.61 -9.23 -3.39
CA ARG A 108 11.88 -10.43 -2.63
C ARG A 108 12.81 -11.38 -3.39
N THR A 109 12.51 -11.62 -4.66
CA THR A 109 13.16 -12.70 -5.39
C THR A 109 14.36 -12.25 -6.21
N LEU A 110 14.66 -10.96 -6.25
CA LEU A 110 15.85 -10.47 -6.94
C LEU A 110 16.78 -9.71 -5.99
N GLY A 111 16.59 -9.87 -4.68
CA GLY A 111 17.46 -9.22 -3.70
C GLY A 111 17.40 -7.71 -3.78
N LEU A 112 16.20 -7.16 -3.78
CA LEU A 112 16.02 -5.71 -3.76
C LEU A 112 15.12 -5.29 -2.61
N TYR A 113 15.29 -5.92 -1.44
CA TYR A 113 14.41 -5.71 -0.29
C TYR A 113 15.22 -5.46 1.00
N GLY A 114 16.40 -4.86 0.88
CA GLY A 114 17.25 -4.59 2.02
C GLY A 114 18.01 -5.82 2.45
N LYS A 115 19.02 -5.60 3.31
CA LYS A 115 19.93 -6.69 3.74
C LYS A 115 19.53 -7.34 5.06
N ASP A 116 18.58 -6.78 5.79
CA ASP A 116 18.06 -7.43 6.98
C ASP A 116 16.60 -7.05 7.12
N GLN A 117 15.99 -7.51 8.21
CA GLN A 117 14.59 -7.24 8.44
C GLN A 117 14.33 -5.76 8.75
N GLN A 118 15.24 -5.12 9.48
CA GLN A 118 15.08 -3.70 9.79
C GLN A 118 15.06 -2.87 8.52
N GLU A 119 16.01 -3.13 7.61
CA GLU A 119 16.05 -2.38 6.36
C GLU A 119 14.82 -2.68 5.51
N ALA A 120 14.27 -3.89 5.64
CA ALA A 120 13.08 -4.22 4.87
C ALA A 120 11.87 -3.43 5.35
N ALA A 121 11.77 -3.22 6.66
CA ALA A 121 10.73 -2.35 7.18
C ALA A 121 10.92 -0.92 6.68
N LEU A 122 12.17 -0.44 6.66
CA LEU A 122 12.41 0.92 6.18
C LEU A 122 11.99 1.07 4.71
N VAL A 123 12.26 0.04 3.89
CA VAL A 123 11.85 0.05 2.48
C VAL A 123 10.32 0.06 2.37
N ASP A 124 9.64 -0.71 3.23
CA ASP A 124 8.18 -0.67 3.28
C ASP A 124 7.66 0.74 3.58
N MET A 125 8.15 1.37 4.66
CA MET A 125 7.90 2.78 4.91
C MET A 125 7.99 3.68 3.69
N VAL A 126 9.16 3.63 3.05
CA VAL A 126 9.41 4.54 1.94
C VAL A 126 8.41 4.27 0.82
N ASN A 127 8.21 2.99 0.48
CA ASN A 127 7.32 2.68 -0.62
C ASN A 127 5.90 3.09 -0.30
N ASP A 128 5.49 2.95 0.95
CA ASP A 128 4.13 3.34 1.31
C ASP A 128 3.95 4.84 1.20
N GLY A 129 4.95 5.63 1.63
CA GLY A 129 4.89 7.06 1.39
C GLY A 129 4.80 7.42 -0.08
N VAL A 130 5.55 6.69 -0.90
CA VAL A 130 5.51 6.87 -2.35
C VAL A 130 4.11 6.59 -2.87
N GLU A 131 3.49 5.52 -2.36
CA GLU A 131 2.14 5.18 -2.78
C GLU A 131 1.12 6.25 -2.41
N ASP A 132 1.26 6.84 -1.20
CA ASP A 132 0.29 7.86 -0.79
C ASP A 132 0.38 9.06 -1.72
N LEU A 133 1.60 9.47 -2.04
CA LEU A 133 1.74 10.61 -2.94
C LEU A 133 1.25 10.26 -4.34
N ARG A 134 1.52 9.03 -4.80
CA ARG A 134 1.04 8.63 -6.11
C ARG A 134 -0.48 8.66 -6.17
N CYS A 135 -1.15 8.24 -5.09
CA CYS A 135 -2.61 8.37 -5.01
C CYS A 135 -3.06 9.80 -5.20
N LYS A 136 -2.46 10.73 -4.46
CA LYS A 136 -2.78 12.15 -4.65
C LYS A 136 -2.60 12.59 -6.10
N TYR A 137 -1.50 12.16 -6.72
CA TYR A 137 -1.23 12.52 -8.11
C TYR A 137 -2.32 11.98 -9.04
N ILE A 138 -2.67 10.71 -8.88
CA ILE A 138 -3.67 10.09 -9.74
C ILE A 138 -5.01 10.79 -9.57
N SER A 139 -5.37 11.16 -8.34
CA SER A 139 -6.60 11.93 -8.10
C SER A 139 -6.59 13.25 -8.86
N LEU A 140 -5.50 14.03 -8.70
CA LEU A 140 -5.35 15.26 -9.49
C LEU A 140 -5.57 15.00 -10.98
N ILE A 141 -4.81 14.07 -11.55
CA ILE A 141 -4.80 13.85 -12.99
C ILE A 141 -6.21 13.50 -13.49
N TYR A 142 -6.82 12.47 -12.89
CA TYR A 142 -8.04 11.89 -13.44
C TYR A 142 -9.32 12.57 -12.99
N THR A 143 -9.30 13.43 -11.96
CA THR A 143 -10.56 13.99 -11.50
C THR A 143 -10.58 15.50 -11.25
N ASN A 144 -9.48 16.21 -11.45
CA ASN A 144 -9.42 17.61 -11.02
C ASN A 144 -8.21 18.36 -11.56
N TYR A 145 -7.81 18.09 -12.80
CA TYR A 145 -6.56 18.64 -13.30
C TYR A 145 -6.58 20.17 -13.34
N GLU A 146 -7.53 20.74 -14.09
CA GLU A 146 -7.51 22.17 -14.35
C GLU A 146 -7.75 22.97 -13.08
N ALA A 147 -8.76 22.58 -12.31
CA ALA A 147 -9.03 23.26 -11.05
C ALA A 147 -7.90 23.05 -10.04
N GLY A 148 -7.42 21.83 -9.91
CA GLY A 148 -6.53 21.49 -8.81
C GLY A 148 -5.04 21.68 -9.01
N LYS A 149 -4.56 21.91 -10.24
CA LYS A 149 -3.12 21.91 -10.49
C LYS A 149 -2.38 22.96 -9.66
N ASP A 150 -2.95 24.17 -9.53
CA ASP A 150 -2.26 25.23 -8.79
C ASP A 150 -2.10 24.86 -7.33
N ASP A 151 -3.20 24.50 -6.66
CA ASP A 151 -3.13 24.05 -5.27
C ASP A 151 -2.17 22.87 -5.12
N TYR A 152 -2.15 21.97 -6.10
CA TYR A 152 -1.30 20.79 -6.00
C TYR A 152 0.17 21.18 -6.05
N VAL A 153 0.55 22.03 -6.99
CA VAL A 153 1.94 22.45 -7.08
C VAL A 153 2.33 23.26 -5.84
N LYS A 154 1.42 24.10 -5.33
CA LYS A 154 1.70 24.84 -4.09
C LYS A 154 1.96 23.89 -2.91
N ALA A 155 1.25 22.76 -2.85
CA ALA A 155 1.42 21.83 -1.75
C ALA A 155 2.56 20.83 -1.96
N LEU A 156 3.06 20.69 -3.18
CA LEU A 156 4.03 19.62 -3.48
C LEU A 156 5.31 19.65 -2.65
N PRO A 157 5.92 20.82 -2.36
CA PRO A 157 7.17 20.78 -1.58
C PRO A 157 7.02 20.13 -0.22
N GLY A 158 5.84 20.28 0.42
CA GLY A 158 5.58 19.55 1.64
C GLY A 158 5.54 18.04 1.46
N GLN A 159 5.07 17.57 0.30
CA GLN A 159 5.03 16.14 0.04
C GLN A 159 6.39 15.59 -0.36
N LEU A 160 7.27 16.43 -0.90
CA LEU A 160 8.60 15.98 -1.30
C LEU A 160 9.61 16.06 -0.17
N LYS A 161 9.45 17.00 0.77
CA LYS A 161 10.40 17.14 1.86
C LYS A 161 10.63 15.85 2.65
N PRO A 162 9.64 14.96 2.86
CA PRO A 162 9.97 13.72 3.58
C PRO A 162 11.01 12.86 2.87
N PHE A 163 11.01 12.81 1.54
CA PHE A 163 11.97 11.97 0.85
C PHE A 163 13.38 12.57 0.85
N GLU A 164 13.49 13.92 0.85
CA GLU A 164 14.79 14.56 1.02
C GLU A 164 15.32 14.35 2.42
N THR A 165 14.45 14.47 3.43
CA THR A 165 14.84 14.12 4.79
C THR A 165 15.37 12.70 4.85
N LEU A 166 14.65 11.77 4.21
CA LEU A 166 15.06 10.37 4.17
C LEU A 166 16.45 10.22 3.56
N LEU A 167 16.66 10.79 2.37
CA LEU A 167 17.97 10.77 1.74
C LEU A 167 19.06 11.32 2.68
N SER A 168 18.81 12.49 3.27
CA SER A 168 19.84 13.15 4.07
C SER A 168 20.26 12.36 5.30
N GLN A 169 19.49 11.36 5.70
CA GLN A 169 19.79 10.62 6.91
C GLN A 169 20.45 9.28 6.61
N ASN A 170 20.75 9.00 5.34
CA ASN A 170 21.31 7.72 4.89
C ASN A 170 22.54 8.04 4.06
N GLN A 171 23.71 8.12 4.71
CA GLN A 171 24.98 8.32 4.03
C GLN A 171 24.97 9.60 3.18
N GLY A 172 24.37 10.66 3.72
CA GLY A 172 24.27 11.91 3.00
C GLY A 172 23.49 11.87 1.71
N GLY A 173 22.70 10.82 1.51
CA GLY A 173 21.91 10.70 0.30
C GLY A 173 22.70 10.38 -0.94
N LYS A 174 23.90 9.87 -0.79
CA LYS A 174 24.75 9.64 -1.95
C LYS A 174 24.66 8.22 -2.48
N THR A 175 23.89 7.34 -1.82
CA THR A 175 23.65 6.00 -2.31
C THR A 175 22.20 5.84 -2.77
N PHE A 176 21.40 5.11 -2.00
CA PHE A 176 20.00 4.85 -2.32
C PHE A 176 19.11 5.34 -1.17
N ILE A 177 17.80 5.16 -1.32
CA ILE A 177 16.87 5.76 -0.36
C ILE A 177 16.92 5.04 0.98
N VAL A 178 17.22 3.73 0.99
CA VAL A 178 17.34 2.94 2.21
C VAL A 178 18.58 2.06 2.11
N GLY A 179 19.48 2.18 3.08
CA GLY A 179 20.67 1.35 3.09
C GLY A 179 21.58 1.70 1.93
N ASP A 180 22.57 0.84 1.68
CA ASP A 180 23.57 1.14 0.67
C ASP A 180 23.42 0.34 -0.61
N GLN A 181 22.31 -0.37 -0.79
CA GLN A 181 22.04 -1.04 -2.06
C GLN A 181 20.63 -0.72 -2.53
N ILE A 182 20.42 -0.87 -3.84
CA ILE A 182 19.17 -0.44 -4.45
C ILE A 182 18.03 -1.35 -4.00
N SER A 183 16.81 -0.80 -4.03
CA SER A 183 15.60 -1.55 -3.68
C SER A 183 14.48 -1.18 -4.65
N PHE A 184 13.36 -1.89 -4.51
CA PHE A 184 12.19 -1.61 -5.33
C PHE A 184 11.60 -0.25 -5.00
N ALA A 185 11.74 0.18 -3.74
CA ALA A 185 11.31 1.52 -3.37
C ALA A 185 12.08 2.59 -4.12
N ASP A 186 13.33 2.31 -4.48
CA ASP A 186 14.09 3.28 -5.26
C ASP A 186 13.44 3.49 -6.62
N TYR A 187 13.14 2.41 -7.33
CA TYR A 187 12.51 2.55 -8.64
C TYR A 187 11.16 3.24 -8.53
N ASN A 188 10.39 2.90 -7.49
CA ASN A 188 9.10 3.55 -7.26
C ASN A 188 9.26 5.05 -7.01
N LEU A 189 10.17 5.42 -6.09
CA LEU A 189 10.37 6.83 -5.78
C LEU A 189 10.88 7.59 -7.00
N LEU A 190 11.81 6.98 -7.74
CA LEU A 190 12.33 7.60 -8.94
C LEU A 190 11.19 7.90 -9.93
N ASP A 191 10.33 6.92 -10.21
CA ASP A 191 9.26 7.18 -11.17
C ASP A 191 8.37 8.30 -10.68
N LEU A 192 8.01 8.27 -9.39
CA LEU A 192 7.16 9.33 -8.85
C LEU A 192 7.81 10.71 -9.06
N LEU A 193 9.12 10.79 -8.81
CA LEU A 193 9.83 12.06 -8.99
C LEU A 193 9.83 12.49 -10.45
N LEU A 194 10.04 11.55 -11.37
CA LEU A 194 10.11 11.91 -12.79
C LEU A 194 8.77 12.44 -13.29
N ILE A 195 7.68 11.76 -12.93
CA ILE A 195 6.39 12.23 -13.41
C ILE A 195 6.04 13.57 -12.76
N HIS A 196 6.55 13.83 -11.55
CA HIS A 196 6.26 15.12 -10.95
C HIS A 196 7.07 16.24 -11.60
N GLU A 197 8.31 15.95 -12.00
CA GLU A 197 9.09 16.92 -12.76
C GLU A 197 8.45 17.22 -14.11
N VAL A 198 7.72 16.25 -14.68
CA VAL A 198 6.88 16.59 -15.83
C VAL A 198 5.74 17.52 -15.42
N LEU A 199 5.03 17.17 -14.33
CA LEU A 199 3.83 17.92 -13.97
C LEU A 199 4.15 19.36 -13.59
N ALA A 200 5.21 19.54 -12.80
CA ALA A 200 5.63 20.85 -12.32
C ALA A 200 7.13 20.97 -12.50
N PRO A 201 7.61 21.41 -13.67
CA PRO A 201 9.06 21.42 -13.92
C PRO A 201 9.78 22.31 -12.92
N GLY A 202 11.01 21.92 -12.57
CA GLY A 202 11.75 22.66 -11.58
C GLY A 202 11.35 22.39 -10.14
N CYS A 203 10.39 21.49 -9.92
CA CYS A 203 9.90 21.17 -8.58
C CYS A 203 10.95 20.52 -7.67
N LEU A 204 12.11 20.12 -8.20
CA LEU A 204 13.17 19.54 -7.39
C LEU A 204 14.35 20.48 -7.21
N ASP A 205 14.23 21.74 -7.64
CA ASP A 205 15.32 22.68 -7.49
C ASP A 205 15.64 22.91 -6.02
N ALA A 206 14.60 22.97 -5.18
CA ALA A 206 14.74 23.17 -3.74
C ALA A 206 15.25 21.94 -2.99
N PHE A 207 15.40 20.80 -3.65
CA PHE A 207 15.76 19.56 -2.97
C PHE A 207 17.00 19.00 -3.65
N PRO A 208 18.17 19.55 -3.36
CA PRO A 208 19.39 19.12 -4.07
C PRO A 208 19.61 17.62 -4.03
N LEU A 209 19.32 16.98 -2.89
CA LEU A 209 19.58 15.54 -2.76
C LEU A 209 18.66 14.74 -3.66
N LEU A 210 17.37 15.08 -3.68
CA LEU A 210 16.44 14.40 -4.56
C LEU A 210 16.80 14.61 -6.03
N SER A 211 17.36 15.78 -6.38
CA SER A 211 17.75 16.02 -7.75
CA SER A 211 17.76 16.03 -7.76
C SER A 211 18.98 15.18 -8.13
N ALA A 212 20.02 15.21 -7.29
CA ALA A 212 21.19 14.39 -7.58
C ALA A 212 20.80 12.92 -7.63
N TYR A 213 19.81 12.53 -6.83
CA TYR A 213 19.34 11.15 -6.82
C TYR A 213 18.70 10.79 -8.13
N VAL A 214 17.82 11.66 -8.65
CA VAL A 214 17.21 11.38 -9.94
C VAL A 214 18.30 11.25 -11.02
N GLY A 215 19.23 12.20 -11.07
CA GLY A 215 20.26 12.13 -12.11
C GLY A 215 21.13 10.87 -12.00
N ARG A 216 21.51 10.53 -10.77
CA ARG A 216 22.36 9.36 -10.53
C ARG A 216 21.65 8.08 -10.96
N LEU A 217 20.46 7.83 -10.45
CA LEU A 217 19.77 6.59 -10.83
C LEU A 217 19.43 6.60 -12.32
N SER A 218 19.08 7.74 -12.89
CA SER A 218 18.73 7.80 -14.30
C SER A 218 19.90 7.44 -15.19
N ALA A 219 21.13 7.74 -14.76
CA ALA A 219 22.28 7.47 -15.61
C ALA A 219 22.86 6.08 -15.43
N ARG A 220 22.25 5.21 -14.64
CA ARG A 220 22.67 3.82 -14.64
C ARG A 220 22.46 3.25 -16.04
N PRO A 221 23.39 2.44 -16.55
CA PRO A 221 23.40 2.17 -18.00
C PRO A 221 22.17 1.43 -18.52
N LYS A 222 21.78 0.33 -17.88
CA LYS A 222 20.64 -0.42 -18.38
C LYS A 222 19.35 0.37 -18.22
N LEU A 223 19.24 1.10 -17.11
CA LEU A 223 18.07 1.95 -16.90
C LEU A 223 18.01 3.07 -17.93
N LYS A 224 19.14 3.76 -18.13
CA LYS A 224 19.23 4.79 -19.16
C LYS A 224 18.72 4.28 -20.49
N ALA A 225 19.27 3.14 -20.93
CA ALA A 225 18.84 2.54 -22.19
C ALA A 225 17.33 2.37 -22.23
N PHE A 226 16.76 1.73 -21.20
CA PHE A 226 15.32 1.52 -21.19
C PHE A 226 14.57 2.85 -21.21
N LEU A 227 15.01 3.83 -20.42
CA LEU A 227 14.29 5.08 -20.32
C LEU A 227 14.28 5.84 -21.63
N ALA A 228 15.20 5.53 -22.54
CA ALA A 228 15.23 6.18 -23.85
C ALA A 228 14.67 5.32 -24.96
N SER A 229 14.27 4.09 -24.68
CA SER A 229 13.76 3.21 -25.73
C SER A 229 12.34 3.60 -26.16
N PRO A 230 11.94 3.23 -27.37
CA PRO A 230 10.59 3.58 -27.82
C PRO A 230 9.50 2.99 -26.96
N GLU A 231 9.70 1.77 -26.43
CA GLU A 231 8.72 1.11 -25.57
C GLU A 231 8.42 1.90 -24.30
N TYR A 232 9.24 2.90 -23.98
CA TYR A 232 9.00 3.85 -22.90
C TYR A 232 8.59 5.22 -23.41
N VAL A 233 9.28 5.73 -24.43
CA VAL A 233 9.07 7.11 -24.85
C VAL A 233 7.73 7.25 -25.58
N ASN A 234 7.36 6.26 -26.40
CA ASN A 234 6.13 6.33 -27.16
C ASN A 234 4.88 6.24 -26.29
N LEU A 235 5.02 5.80 -25.01
CA LEU A 235 3.88 5.65 -24.09
C LEU A 235 3.61 6.95 -23.33
N PRO A 236 2.35 7.38 -23.23
CA PRO A 236 2.02 8.51 -22.35
C PRO A 236 2.15 8.12 -20.90
N ILE A 237 2.38 9.12 -20.03
CA ILE A 237 2.50 8.83 -18.60
C ILE A 237 1.21 8.21 -18.08
N ASN A 238 0.08 8.69 -18.57
CA ASN A 238 -1.24 8.39 -18.01
C ASN A 238 -2.19 7.94 -19.10
N GLY A 239 -3.42 7.63 -18.67
CA GLY A 239 -4.47 7.13 -19.53
C GLY A 239 -5.50 8.14 -20.01
N ASN A 240 -5.31 9.43 -19.76
CA ASN A 240 -6.32 10.42 -20.16
C ASN A 240 -5.71 11.63 -20.86
N GLY A 241 -4.48 11.51 -21.36
CA GLY A 241 -3.89 12.59 -22.11
C GLY A 241 -3.46 13.80 -21.30
N LYS A 242 -3.52 13.71 -19.98
CA LYS A 242 -3.06 14.77 -19.10
C LYS A 242 -1.74 14.37 -18.43
N GLN A 243 -0.88 15.36 -18.22
CA GLN A 243 0.38 15.10 -17.52
C GLN A 243 1.00 16.35 -16.91
N PRO B 35 8.38 -4.63 28.00
CA PRO B 35 7.47 -4.42 26.87
C PRO B 35 8.22 -3.95 25.62
N PRO B 36 8.19 -4.72 24.57
CA PRO B 36 9.05 -4.42 23.42
C PRO B 36 8.47 -3.37 22.48
N TYR B 37 7.14 -3.27 22.42
CA TYR B 37 6.47 -2.51 21.38
C TYR B 37 5.78 -1.28 21.97
N THR B 38 5.83 -0.17 21.23
CA THR B 38 5.13 1.07 21.59
C THR B 38 4.29 1.55 20.42
N VAL B 39 2.99 1.77 20.66
CA VAL B 39 2.09 2.34 19.67
C VAL B 39 1.73 3.76 20.11
N VAL B 40 1.91 4.71 19.20
CA VAL B 40 1.69 6.12 19.48
C VAL B 40 0.61 6.59 18.54
N TYR B 41 -0.82 6.59 18.48
CA TYR B 41 -2.04 6.88 17.79
C TYR B 41 -2.98 7.43 18.83
N PHE B 42 -3.76 8.44 18.18
CA PHE B 42 -4.98 9.02 18.71
C PHE B 42 -5.80 7.98 19.49
N PRO B 43 -6.71 8.44 20.32
CA PRO B 43 -7.58 7.53 21.06
C PRO B 43 -8.72 6.96 20.19
N VAL B 44 -8.37 6.45 19.01
N VAL B 44 -8.34 6.44 19.02
CA VAL B 44 -9.35 5.89 18.08
CA VAL B 44 -9.25 5.93 17.99
C VAL B 44 -8.80 4.59 17.50
C VAL B 44 -8.84 4.50 17.65
N ARG B 45 -9.72 3.80 16.93
CA ARG B 45 -9.32 2.51 16.35
C ARG B 45 -8.54 2.74 15.06
N GLY B 46 -9.23 3.22 14.03
CA GLY B 46 -8.62 3.59 12.78
C GLY B 46 -7.51 2.68 12.27
N ARG B 47 -6.46 3.30 11.76
CA ARG B 47 -5.36 2.61 11.09
C ARG B 47 -4.63 1.68 12.05
N CYS B 48 -5.02 1.64 13.33
CA CYS B 48 -4.34 0.81 14.31
C CYS B 48 -5.13 -0.41 14.74
N ALA B 49 -6.44 -0.43 14.47
CA ALA B 49 -7.25 -1.55 14.93
C ALA B 49 -6.67 -2.89 14.50
N ALA B 50 -6.13 -2.97 13.29
CA ALA B 50 -5.63 -4.25 12.79
C ALA B 50 -4.37 -4.67 13.54
N LEU B 51 -3.39 -3.76 13.67
CA LEU B 51 -2.12 -4.22 14.22
C LEU B 51 -2.27 -4.61 15.69
N ARG B 52 -2.99 -3.79 16.45
CA ARG B 52 -3.38 -4.15 17.81
C ARG B 52 -3.97 -5.54 17.84
N MET B 53 -4.91 -5.82 16.93
CA MET B 53 -5.57 -7.12 16.92
C MET B 53 -4.52 -8.21 16.82
N LEU B 54 -3.63 -8.08 15.82
CA LEU B 54 -2.55 -9.02 15.62
C LEU B 54 -1.76 -9.17 16.91
N LEU B 55 -1.31 -8.05 17.47
CA LEU B 55 -0.51 -8.10 18.69
C LEU B 55 -1.25 -8.85 19.81
N ALA B 56 -2.53 -8.54 20.01
CA ALA B 56 -3.27 -9.23 21.05
C ALA B 56 -3.37 -10.71 20.74
N ASP B 57 -3.68 -11.05 19.50
CA ASP B 57 -3.89 -12.45 19.12
C ASP B 57 -2.61 -13.26 19.20
N GLN B 58 -1.46 -12.65 19.00
CA GLN B 58 -0.18 -13.31 19.15
C GLN B 58 0.36 -13.28 20.57
N GLY B 59 -0.44 -12.90 21.55
CA GLY B 59 0.05 -12.88 22.92
C GLY B 59 1.16 -11.88 23.18
N GLN B 60 1.16 -10.77 22.48
CA GLN B 60 2.21 -9.77 22.61
C GLN B 60 1.78 -8.65 23.55
N SER B 61 2.77 -8.06 24.22
CA SER B 61 2.55 -6.92 25.09
CA SER B 61 2.55 -6.91 25.08
C SER B 61 3.06 -5.66 24.39
N TRP B 62 2.43 -4.54 24.70
CA TRP B 62 2.82 -3.30 24.05
C TRP B 62 2.27 -2.14 24.87
N LYS B 63 3.03 -1.04 24.88
CA LYS B 63 2.63 0.16 25.59
C LYS B 63 1.94 1.08 24.60
N GLU B 64 0.80 1.63 25.00
CA GLU B 64 0.04 2.57 24.18
C GLU B 64 0.37 3.98 24.63
N GLU B 65 0.88 4.81 23.73
CA GLU B 65 1.01 6.23 23.99
C GLU B 65 -0.10 6.95 23.24
N VAL B 66 -0.93 7.67 23.98
CA VAL B 66 -2.18 8.25 23.49
C VAL B 66 -1.97 9.73 23.23
N VAL B 67 -2.35 10.18 22.03
CA VAL B 67 -2.12 11.55 21.61
C VAL B 67 -3.47 12.19 21.32
N THR B 68 -3.78 13.24 22.08
CA THR B 68 -5.08 13.89 21.92
C THR B 68 -5.04 14.85 20.74
N VAL B 69 -6.23 15.31 20.33
CA VAL B 69 -6.26 16.28 19.25
C VAL B 69 -5.66 17.60 19.72
N GLU B 70 -5.78 17.91 21.02
CA GLU B 70 -5.16 19.14 21.53
C GLU B 70 -3.65 19.07 21.38
N THR B 71 -3.03 18.00 21.91
CA THR B 71 -1.58 17.79 21.74
C THR B 71 -1.17 17.76 20.28
N TRP B 72 -1.93 17.07 19.42
CA TRP B 72 -1.60 16.99 18.00
C TRP B 72 -1.58 18.37 17.38
N GLN B 73 -2.61 19.16 17.69
CA GLN B 73 -2.78 20.47 17.10
C GLN B 73 -1.72 21.44 17.61
N GLU B 74 -1.11 21.16 18.78
CA GLU B 74 0.06 21.92 19.24
C GLU B 74 1.11 22.03 18.14
N GLY B 75 1.42 20.93 17.46
CA GLY B 75 2.18 20.94 16.22
C GLY B 75 3.55 20.31 16.27
N SER B 76 4.13 20.11 17.47
CA SER B 76 5.51 19.63 17.54
C SER B 76 5.63 18.18 17.12
N LEU B 77 4.79 17.31 17.73
CA LEU B 77 4.85 15.89 17.39
C LEU B 77 4.58 15.66 15.91
N LYS B 78 3.63 16.41 15.33
CA LYS B 78 3.36 16.28 13.90
C LYS B 78 4.58 16.64 13.06
N ALA B 79 5.29 17.71 13.42
CA ALA B 79 6.49 18.08 12.68
C ALA B 79 7.63 17.09 12.89
N SER B 80 7.55 16.22 13.89
CA SER B 80 8.54 15.14 13.98
C SER B 80 8.09 13.84 13.32
N CYS B 81 6.91 13.80 12.73
CA CYS B 81 6.42 12.58 12.09
C CYS B 81 6.81 12.59 10.62
N LEU B 82 7.38 11.49 10.16
CA LEU B 82 7.97 11.43 8.82
C LEU B 82 7.03 11.99 7.75
N TYR B 83 5.77 11.54 7.75
CA TYR B 83 4.79 12.01 6.77
C TYR B 83 3.65 12.81 7.42
N GLY B 84 3.88 13.38 8.60
CA GLY B 84 2.86 14.19 9.23
C GLY B 84 1.67 13.43 9.75
N GLN B 85 1.75 12.10 9.80
CA GLN B 85 0.63 11.25 10.17
C GLN B 85 1.01 10.40 11.37
N LEU B 86 0.02 9.69 11.89
CA LEU B 86 0.17 8.61 12.85
C LEU B 86 -0.59 7.42 12.29
N PRO B 87 -0.31 6.19 12.75
CA PRO B 87 0.53 5.69 13.85
C PRO B 87 2.04 5.82 13.67
N LYS B 88 2.71 6.08 14.78
CA LYS B 88 4.15 5.96 14.94
C LYS B 88 4.40 4.77 15.86
N PHE B 89 5.42 3.97 15.53
CA PHE B 89 5.59 2.64 16.11
C PHE B 89 7.04 2.47 16.48
N GLN B 90 7.32 1.95 17.68
CA GLN B 90 8.68 1.70 18.13
C GLN B 90 8.83 0.23 18.50
N ASP B 91 9.79 -0.45 17.86
CA ASP B 91 10.19 -1.82 18.19
C ASP B 91 11.67 -1.74 18.51
N GLY B 92 12.01 -1.94 19.78
CA GLY B 92 13.36 -1.58 20.20
C GLY B 92 13.63 -0.13 19.85
N ASP B 93 14.80 0.14 19.27
CA ASP B 93 15.13 1.47 18.79
C ASP B 93 14.97 1.60 17.27
N LEU B 94 14.28 0.65 16.64
CA LEU B 94 13.76 0.84 15.30
C LEU B 94 12.42 1.56 15.38
N THR B 95 12.26 2.61 14.59
CA THR B 95 11.05 3.41 14.61
C THR B 95 10.43 3.43 13.23
N LEU B 96 9.11 3.24 13.18
CA LEU B 96 8.35 3.08 11.94
C LEU B 96 7.16 4.02 11.90
N TYR B 97 6.75 4.38 10.68
CA TYR B 97 5.49 5.03 10.39
C TYR B 97 4.73 4.23 9.32
N GLN B 98 3.42 4.51 9.20
CA GLN B 98 2.51 3.87 8.23
C GLN B 98 1.99 2.52 8.71
N SER B 99 0.67 2.35 8.75
CA SER B 99 0.09 1.14 9.35
C SER B 99 0.45 -0.11 8.57
N ASN B 100 0.49 -0.03 7.25
CA ASN B 100 0.84 -1.23 6.50
C ASN B 100 2.31 -1.58 6.70
N THR B 101 3.17 -0.59 6.88
CA THR B 101 4.56 -0.88 7.18
C THR B 101 4.68 -1.61 8.50
N ILE B 102 3.97 -1.11 9.52
CA ILE B 102 3.96 -1.75 10.83
C ILE B 102 3.45 -3.18 10.72
N LEU B 103 2.32 -3.37 10.02
CA LEU B 103 1.78 -4.72 9.83
C LEU B 103 2.79 -5.65 9.16
N ARG B 104 3.39 -5.23 8.05
CA ARG B 104 4.33 -6.10 7.35
C ARG B 104 5.54 -6.42 8.23
N HIS B 105 5.97 -5.44 9.04
CA HIS B 105 7.10 -5.69 9.92
C HIS B 105 6.74 -6.71 11.00
N LEU B 106 5.59 -6.53 11.66
CA LEU B 106 5.14 -7.52 12.63
C LEU B 106 5.00 -8.91 12.01
N GLY B 107 4.52 -8.99 10.76
CA GLY B 107 4.34 -10.29 10.14
C GLY B 107 5.66 -10.91 9.69
N ARG B 108 6.60 -10.08 9.29
CA ARG B 108 7.93 -10.56 8.96
C ARG B 108 8.63 -11.12 10.19
N THR B 109 8.49 -10.47 11.35
CA THR B 109 9.18 -10.92 12.55
C THR B 109 8.39 -11.89 13.40
N LEU B 110 7.12 -12.12 13.15
CA LEU B 110 6.35 -13.08 13.94
C LEU B 110 5.87 -14.28 13.13
N GLY B 111 6.31 -14.44 11.88
CA GLY B 111 5.85 -15.56 11.09
C GLY B 111 4.40 -15.47 10.64
N LEU B 112 3.97 -14.30 10.21
CA LEU B 112 2.61 -14.08 9.73
C LEU B 112 2.65 -13.44 8.36
N TYR B 113 3.48 -14.00 7.49
CA TYR B 113 3.79 -13.43 6.19
C TYR B 113 4.04 -14.55 5.20
N GLY B 114 3.19 -15.59 5.26
CA GLY B 114 3.31 -16.75 4.41
C GLY B 114 4.35 -17.74 4.90
N LYS B 115 4.32 -18.94 4.31
CA LYS B 115 5.30 -19.97 4.56
C LYS B 115 6.44 -20.00 3.54
N ASP B 116 6.25 -19.41 2.36
CA ASP B 116 7.29 -19.32 1.36
C ASP B 116 7.10 -18.00 0.63
N GLN B 117 7.96 -17.74 -0.36
CA GLN B 117 7.92 -16.46 -1.06
C GLN B 117 6.62 -16.26 -1.84
N GLN B 118 6.10 -17.33 -2.45
CA GLN B 118 4.84 -17.27 -3.17
C GLN B 118 3.69 -16.87 -2.25
N GLU B 119 3.60 -17.51 -1.09
CA GLU B 119 2.54 -17.17 -0.14
C GLU B 119 2.70 -15.75 0.37
N ALA B 120 3.93 -15.27 0.55
CA ALA B 120 4.12 -13.86 0.91
C ALA B 120 3.58 -12.94 -0.17
N ALA B 121 3.79 -13.29 -1.44
CA ALA B 121 3.25 -12.46 -2.51
C ALA B 121 1.73 -12.47 -2.51
N LEU B 122 1.13 -13.62 -2.23
CA LEU B 122 -0.34 -13.67 -2.16
C LEU B 122 -0.87 -12.83 -0.99
N VAL B 123 -0.20 -12.91 0.16
CA VAL B 123 -0.62 -12.07 1.28
C VAL B 123 -0.52 -10.60 0.91
N ASP B 124 0.53 -10.23 0.17
CA ASP B 124 0.64 -8.84 -0.31
C ASP B 124 -0.54 -8.47 -1.19
N MET B 125 -0.86 -9.31 -2.15
CA MET B 125 -2.00 -9.11 -3.04
C MET B 125 -3.29 -8.89 -2.26
N VAL B 126 -3.47 -9.66 -1.18
CA VAL B 126 -4.67 -9.53 -0.35
C VAL B 126 -4.64 -8.21 0.42
N ASN B 127 -3.52 -7.90 1.06
CA ASN B 127 -3.47 -6.69 1.89
C ASN B 127 -3.65 -5.45 1.05
N ASP B 128 -3.14 -5.45 -0.19
CA ASP B 128 -3.28 -4.28 -1.04
C ASP B 128 -4.72 -4.12 -1.50
N GLY B 129 -5.40 -5.23 -1.83
CA GLY B 129 -6.85 -5.13 -2.06
C GLY B 129 -7.59 -4.54 -0.87
N VAL B 130 -7.24 -5.01 0.33
CA VAL B 130 -7.81 -4.47 1.57
C VAL B 130 -7.55 -2.98 1.67
N GLU B 131 -6.32 -2.55 1.40
CA GLU B 131 -5.95 -1.15 1.45
C GLU B 131 -6.81 -0.31 0.53
N ASP B 132 -6.99 -0.74 -0.72
CA ASP B 132 -7.78 0.04 -1.67
C ASP B 132 -9.19 0.25 -1.13
N LEU B 133 -9.81 -0.82 -0.62
CA LEU B 133 -11.17 -0.68 -0.11
C LEU B 133 -11.19 0.20 1.14
N ARG B 134 -10.21 0.02 2.01
CA ARG B 134 -10.07 0.85 3.19
C ARG B 134 -9.94 2.32 2.81
N CYS B 135 -9.24 2.61 1.71
CA CYS B 135 -9.12 3.99 1.27
C CYS B 135 -10.47 4.55 0.83
N LYS B 136 -11.22 3.77 0.05
CA LYS B 136 -12.58 4.21 -0.29
C LYS B 136 -13.39 4.48 0.97
N TYR B 137 -13.33 3.58 1.95
CA TYR B 137 -14.07 3.75 3.20
C TYR B 137 -13.64 5.00 3.96
N ILE B 138 -12.33 5.21 4.11
CA ILE B 138 -11.82 6.40 4.78
C ILE B 138 -12.31 7.66 4.08
N SER B 139 -12.23 7.66 2.75
CA SER B 139 -12.70 8.80 1.96
C SER B 139 -14.15 9.11 2.27
N LEU B 140 -15.02 8.09 2.22
CA LEU B 140 -16.43 8.30 2.56
C LEU B 140 -16.56 8.87 3.97
N ILE B 141 -15.92 8.23 4.93
CA ILE B 141 -16.11 8.57 6.34
C ILE B 141 -15.70 10.01 6.62
N TYR B 142 -14.69 10.53 5.93
CA TYR B 142 -14.17 11.85 6.30
C TYR B 142 -14.62 12.98 5.38
N THR B 143 -15.01 12.70 4.13
CA THR B 143 -15.25 13.79 3.18
C THR B 143 -16.62 13.76 2.50
N ASN B 144 -17.43 12.73 2.74
CA ASN B 144 -18.69 12.63 2.01
C ASN B 144 -19.69 11.62 2.59
N TYR B 145 -19.81 11.54 3.92
CA TYR B 145 -20.64 10.49 4.53
C TYR B 145 -22.10 10.59 4.05
N GLU B 146 -22.72 11.74 4.28
CA GLU B 146 -24.17 11.90 4.04
C GLU B 146 -24.51 11.73 2.56
N ALA B 147 -23.81 12.47 1.69
CA ALA B 147 -24.10 12.38 0.26
C ALA B 147 -23.76 11.01 -0.30
N GLY B 148 -22.64 10.44 0.11
CA GLY B 148 -22.11 9.28 -0.56
C GLY B 148 -22.42 7.91 0.00
N LYS B 149 -23.06 7.84 1.17
CA LYS B 149 -23.24 6.54 1.80
C LYS B 149 -24.06 5.59 0.94
N ASP B 150 -25.10 6.12 0.29
CA ASP B 150 -26.02 5.24 -0.42
C ASP B 150 -25.29 4.55 -1.57
N ASP B 151 -24.54 5.32 -2.36
CA ASP B 151 -23.85 4.73 -3.49
C ASP B 151 -22.69 3.86 -3.03
N TYR B 152 -22.03 4.24 -1.93
CA TYR B 152 -20.98 3.39 -1.38
C TYR B 152 -21.53 2.02 -1.07
N VAL B 153 -22.68 1.99 -0.39
CA VAL B 153 -23.31 0.73 -0.03
C VAL B 153 -23.72 -0.06 -1.27
N LYS B 154 -24.30 0.62 -2.26
CA LYS B 154 -24.71 -0.10 -3.46
C LYS B 154 -23.52 -0.73 -4.18
N ALA B 155 -22.35 -0.09 -4.11
CA ALA B 155 -21.16 -0.63 -4.78
C ALA B 155 -20.40 -1.64 -3.93
N LEU B 156 -20.75 -1.76 -2.67
CA LEU B 156 -19.98 -2.62 -1.78
C LEU B 156 -19.93 -4.10 -2.19
N PRO B 157 -21.04 -4.76 -2.59
CA PRO B 157 -20.93 -6.19 -2.96
C PRO B 157 -19.83 -6.50 -3.96
N GLY B 158 -19.66 -5.67 -4.99
CA GLY B 158 -18.60 -5.91 -5.96
C GLY B 158 -17.22 -5.72 -5.37
N GLN B 159 -17.09 -4.86 -4.38
CA GLN B 159 -15.81 -4.70 -3.71
C GLN B 159 -15.51 -5.86 -2.76
N LEU B 160 -16.54 -6.53 -2.23
CA LEU B 160 -16.34 -7.70 -1.37
C LEU B 160 -16.19 -9.01 -2.17
N LYS B 161 -16.79 -9.10 -3.36
CA LYS B 161 -16.77 -10.36 -4.10
C LYS B 161 -15.38 -10.92 -4.29
N PRO B 162 -14.32 -10.13 -4.51
CA PRO B 162 -12.99 -10.76 -4.68
C PRO B 162 -12.55 -11.54 -3.47
N PHE B 163 -12.79 -11.03 -2.27
CA PHE B 163 -12.37 -11.73 -1.05
C PHE B 163 -13.17 -13.00 -0.83
N GLU B 164 -14.45 -12.98 -1.18
CA GLU B 164 -15.20 -14.23 -1.20
C GLU B 164 -14.59 -15.22 -2.17
N THR B 165 -14.15 -14.73 -3.35
CA THR B 165 -13.55 -15.65 -4.32
C THR B 165 -12.26 -16.27 -3.80
N LEU B 166 -11.38 -15.44 -3.24
CA LEU B 166 -10.15 -15.94 -2.63
C LEU B 166 -10.44 -17.04 -1.61
N LEU B 167 -11.34 -16.78 -0.66
CA LEU B 167 -11.67 -17.82 0.31
C LEU B 167 -12.11 -19.10 -0.38
N SER B 168 -12.95 -18.98 -1.42
CA SER B 168 -13.49 -20.17 -2.07
C SER B 168 -12.40 -21.01 -2.71
N GLN B 169 -11.29 -20.39 -3.10
CA GLN B 169 -10.20 -21.19 -3.68
C GLN B 169 -9.12 -21.64 -2.67
N ASN B 170 -9.20 -21.26 -1.40
CA ASN B 170 -8.26 -21.73 -0.36
C ASN B 170 -9.02 -22.54 0.70
N GLN B 171 -9.04 -23.86 0.52
CA GLN B 171 -9.52 -24.80 1.52
C GLN B 171 -10.99 -24.59 1.87
N GLY B 172 -11.80 -24.35 0.85
CA GLY B 172 -13.23 -24.14 1.04
C GLY B 172 -13.59 -22.88 1.80
N GLY B 173 -12.68 -21.93 1.92
CA GLY B 173 -12.94 -20.79 2.76
C GLY B 173 -12.98 -21.11 4.24
N LYS B 174 -12.52 -22.30 4.62
CA LYS B 174 -12.67 -22.77 5.99
C LYS B 174 -11.40 -22.62 6.84
N THR B 175 -10.32 -22.02 6.32
CA THR B 175 -9.12 -21.74 7.13
C THR B 175 -8.79 -20.24 7.14
N PHE B 176 -7.76 -19.80 6.43
CA PHE B 176 -7.41 -18.39 6.40
C PHE B 176 -7.46 -17.85 4.98
N ILE B 177 -7.29 -16.54 4.83
CA ILE B 177 -7.41 -15.92 3.52
C ILE B 177 -6.28 -16.36 2.58
N VAL B 178 -5.09 -16.65 3.11
CA VAL B 178 -3.98 -17.19 2.34
C VAL B 178 -3.36 -18.33 3.14
N GLY B 179 -3.19 -19.48 2.50
CA GLY B 179 -2.53 -20.60 3.13
C GLY B 179 -3.32 -21.18 4.29
N ASP B 180 -2.58 -21.86 5.17
CA ASP B 180 -3.19 -22.61 6.26
C ASP B 180 -2.75 -22.13 7.62
N GLN B 181 -2.07 -20.99 7.68
CA GLN B 181 -1.85 -20.31 8.95
C GLN B 181 -2.21 -18.85 8.77
N ILE B 182 -2.40 -18.17 9.89
CA ILE B 182 -2.89 -16.80 9.87
C ILE B 182 -1.78 -15.87 9.40
N SER B 183 -2.16 -14.80 8.71
CA SER B 183 -1.21 -13.78 8.30
C SER B 183 -1.74 -12.40 8.69
N PHE B 184 -0.86 -11.40 8.61
CA PHE B 184 -1.28 -10.04 8.95
C PHE B 184 -2.43 -9.58 8.06
N ALA B 185 -2.44 -10.02 6.80
CA ALA B 185 -3.57 -9.74 5.93
C ALA B 185 -4.90 -10.23 6.54
N ASP B 186 -4.88 -11.36 7.27
CA ASP B 186 -6.11 -11.82 7.93
C ASP B 186 -6.64 -10.80 8.92
N TYR B 187 -5.75 -10.24 9.77
CA TYR B 187 -6.21 -9.24 10.74
C TYR B 187 -6.70 -7.98 10.06
N ASN B 188 -5.97 -7.49 9.05
CA ASN B 188 -6.44 -6.29 8.34
C ASN B 188 -7.80 -6.55 7.65
N LEU B 189 -7.95 -7.70 7.00
CA LEU B 189 -9.21 -7.99 6.34
C LEU B 189 -10.35 -8.12 7.35
N LEU B 190 -10.09 -8.82 8.46
CA LEU B 190 -11.10 -8.96 9.51
C LEU B 190 -11.60 -7.60 9.97
N ASP B 191 -10.67 -6.69 10.31
CA ASP B 191 -11.07 -5.37 10.78
C ASP B 191 -11.90 -4.64 9.74
N LEU B 192 -11.48 -4.71 8.47
CA LEU B 192 -12.25 -4.10 7.39
C LEU B 192 -13.68 -4.62 7.39
N LEU B 193 -13.84 -5.94 7.51
CA LEU B 193 -15.18 -6.51 7.43
C LEU B 193 -16.03 -6.08 8.63
N LEU B 194 -15.42 -6.00 9.81
CA LEU B 194 -16.17 -5.60 11.00
C LEU B 194 -16.68 -4.18 10.87
N ILE B 195 -15.83 -3.26 10.37
CA ILE B 195 -16.27 -1.88 10.26
C ILE B 195 -17.31 -1.74 9.14
N HIS B 196 -17.24 -2.58 8.12
CA HIS B 196 -18.30 -2.52 7.10
C HIS B 196 -19.62 -3.08 7.61
N GLU B 197 -19.59 -4.11 8.47
CA GLU B 197 -20.87 -4.59 9.02
C GLU B 197 -21.52 -3.51 9.86
N VAL B 198 -20.70 -2.73 10.57
CA VAL B 198 -21.29 -1.59 11.29
C VAL B 198 -21.83 -0.52 10.34
N LEU B 199 -21.16 -0.27 9.21
CA LEU B 199 -21.67 0.69 8.22
C LEU B 199 -22.87 0.17 7.42
N ALA B 200 -22.87 -1.10 7.01
CA ALA B 200 -23.90 -1.65 6.14
C ALA B 200 -24.41 -2.96 6.73
N PRO B 201 -25.32 -2.89 7.68
CA PRO B 201 -25.79 -4.11 8.36
C PRO B 201 -26.22 -5.19 7.38
N GLY B 202 -25.73 -6.41 7.61
CA GLY B 202 -26.05 -7.51 6.72
C GLY B 202 -25.37 -7.49 5.38
N CYS B 203 -24.37 -6.63 5.20
CA CYS B 203 -23.67 -6.59 3.92
C CYS B 203 -22.95 -7.89 3.61
N LEU B 204 -22.79 -8.79 4.58
CA LEU B 204 -22.23 -10.11 4.32
C LEU B 204 -23.30 -11.17 4.15
N ASP B 205 -24.57 -10.78 4.10
CA ASP B 205 -25.63 -11.76 3.90
C ASP B 205 -25.36 -12.58 2.66
N ALA B 206 -24.90 -11.93 1.59
CA ALA B 206 -24.66 -12.57 0.31
C ALA B 206 -23.32 -13.32 0.22
N PHE B 207 -22.49 -13.29 1.26
CA PHE B 207 -21.14 -13.85 1.20
C PHE B 207 -20.95 -14.79 2.36
N PRO B 208 -21.44 -16.02 2.25
CA PRO B 208 -21.38 -16.95 3.39
C PRO B 208 -19.97 -17.18 3.92
N LEU B 209 -18.96 -17.23 3.05
CA LEU B 209 -17.61 -17.49 3.55
C LEU B 209 -17.09 -16.30 4.34
N LEU B 210 -17.31 -15.07 3.86
CA LEU B 210 -16.85 -13.92 4.63
C LEU B 210 -17.55 -13.85 5.98
N SER B 211 -18.84 -14.22 6.03
CA SER B 211 -19.55 -14.24 7.30
CA SER B 211 -19.55 -14.24 7.30
C SER B 211 -18.97 -15.27 8.25
N ALA B 212 -18.83 -16.51 7.78
CA ALA B 212 -18.28 -17.54 8.64
C ALA B 212 -16.85 -17.20 9.04
N TYR B 213 -16.12 -16.49 8.18
CA TYR B 213 -14.76 -16.06 8.45
C TYR B 213 -14.72 -15.07 9.61
N VAL B 214 -15.57 -14.04 9.56
CA VAL B 214 -15.68 -13.09 10.66
C VAL B 214 -15.96 -13.81 11.97
N GLY B 215 -16.90 -14.76 11.94
CA GLY B 215 -17.22 -15.51 13.14
C GLY B 215 -16.06 -16.36 13.64
N ARG B 216 -15.39 -17.05 12.73
CA ARG B 216 -14.32 -17.95 13.12
C ARG B 216 -13.15 -17.21 13.70
N LEU B 217 -12.63 -16.22 12.98
CA LEU B 217 -11.47 -15.51 13.50
C LEU B 217 -11.82 -14.78 14.80
N SER B 218 -13.06 -14.28 14.95
CA SER B 218 -13.42 -13.57 16.17
C SER B 218 -13.58 -14.51 17.34
N ALA B 219 -13.85 -15.80 17.09
CA ALA B 219 -13.92 -16.77 18.19
C ALA B 219 -12.54 -17.11 18.79
N ARG B 220 -11.45 -16.79 18.10
CA ARG B 220 -10.13 -17.12 18.62
C ARG B 220 -9.98 -16.53 20.01
N PRO B 221 -9.50 -17.30 20.99
CA PRO B 221 -9.55 -16.84 22.40
C PRO B 221 -8.95 -15.47 22.67
N LYS B 222 -7.64 -15.29 22.46
CA LYS B 222 -7.00 -14.01 22.75
C LYS B 222 -7.67 -12.87 22.00
N LEU B 223 -8.02 -13.09 20.73
CA LEU B 223 -8.65 -12.02 19.97
C LEU B 223 -10.04 -11.70 20.49
N LYS B 224 -10.83 -12.72 20.86
CA LYS B 224 -12.14 -12.47 21.47
C LYS B 224 -12.00 -11.65 22.75
N ALA B 225 -11.08 -12.06 23.63
CA ALA B 225 -10.78 -11.30 24.84
C ALA B 225 -10.47 -9.85 24.52
N PHE B 226 -9.60 -9.60 23.53
CA PHE B 226 -9.23 -8.23 23.21
C PHE B 226 -10.41 -7.45 22.63
N LEU B 227 -11.23 -8.11 21.78
CA LEU B 227 -12.33 -7.41 21.13
C LEU B 227 -13.48 -7.11 22.08
N ALA B 228 -13.45 -7.68 23.29
CA ALA B 228 -14.41 -7.23 24.31
C ALA B 228 -13.79 -6.36 25.40
N SER B 229 -12.47 -6.12 25.39
CA SER B 229 -11.82 -5.37 26.46
C SER B 229 -12.05 -3.87 26.30
N PRO B 230 -11.93 -3.11 27.40
CA PRO B 230 -12.14 -1.65 27.32
C PRO B 230 -11.14 -0.91 26.42
N GLU B 231 -9.89 -1.39 26.35
CA GLU B 231 -8.88 -0.76 25.50
C GLU B 231 -9.36 -0.64 24.05
N TYR B 232 -10.12 -1.62 23.56
CA TYR B 232 -10.63 -1.64 22.19
C TYR B 232 -12.04 -1.08 22.09
N VAL B 233 -12.89 -1.56 22.97
CA VAL B 233 -14.31 -1.23 22.91
C VAL B 233 -14.57 0.25 23.18
N ASN B 234 -13.77 0.90 24.02
CA ASN B 234 -14.13 2.25 24.41
C ASN B 234 -13.81 3.31 23.35
N LEU B 235 -13.26 2.94 22.25
CA LEU B 235 -12.80 3.87 21.23
C LEU B 235 -13.79 3.94 20.06
N PRO B 236 -13.90 5.12 19.46
CA PRO B 236 -14.66 5.22 18.22
C PRO B 236 -13.93 4.57 17.05
N ILE B 237 -14.71 4.10 16.07
CA ILE B 237 -14.11 3.44 14.92
C ILE B 237 -13.22 4.41 14.17
N ASN B 238 -13.62 5.68 14.12
CA ASN B 238 -12.98 6.71 13.29
C ASN B 238 -12.85 7.98 14.10
N GLY B 239 -11.92 8.84 13.67
CA GLY B 239 -11.60 10.06 14.38
C GLY B 239 -12.74 11.08 14.47
N ASN B 240 -13.70 11.04 13.55
CA ASN B 240 -14.80 12.01 13.58
C ASN B 240 -16.12 11.40 14.04
N GLY B 241 -16.08 10.28 14.78
CA GLY B 241 -17.27 9.67 15.32
C GLY B 241 -18.28 9.12 14.32
N LYS B 242 -18.14 9.42 13.03
CA LYS B 242 -18.99 8.79 12.03
C LYS B 242 -18.64 7.31 11.87
N GLN B 243 -19.64 6.52 11.50
CA GLN B 243 -19.44 5.09 11.24
C GLN B 243 -20.60 4.46 10.44
#